data_4ZND
#
_entry.id   4ZND
#
_cell.length_a   94.795
_cell.length_b   94.795
_cell.length_c   233.668
_cell.angle_alpha   90.00
_cell.angle_beta   90.00
_cell.angle_gamma   120.00
#
_symmetry.space_group_name_H-M   'P 61 2 2'
#
loop_
_entity.id
_entity.type
_entity.pdbx_description
1 polymer '3-phosphoshikimate 1-carboxyvinyltransferase'
2 non-polymer SHIKIMATE-3-PHOSPHATE
3 non-polymer 'PHOSPHATE ION'
4 non-polymer 'POTASSIUM ION'
5 non-polymer BETA-MERCAPTOETHANOL
6 water water
#
_entity_poly.entity_id   1
_entity_poly.type   'polypeptide(L)'
_entity_poly.pdbx_seq_one_letter_code
;SNAMDYQTIPSQGLSGEICVPGDKSISHRAVLLAAIAEGQTQVDGFLMGADNLAMVSALQQMGASIQVIEDENILVVEGV
GMTGLQAPPEALDCGNSGTAIRLLSGLLAGQPFNTVLTGDSSLQRRPMKRIIDPLTLMGAKIDSTGNVPPLKIYGNPRLT
GIHYQLPMASAQVKSCLLLAGLYARGKTCITEPAPSRDHTERLLKHFHYTLQKDKQSICVSGGGKLKANDISIPGDISSA
AFFIVAATITPGSAIRLCRVGVNPTRLGVINLLKMMGADIEVTHYTEKNEEPTADITVRHARLKGIDIPPDQVPLTIDEF
PVLLIAAAVAQGKTVLRDAAELRVKETDRIAAMVDGLQKLGIAAESLPDGVIIQGGTLEGGEVNSYDDHRIAMAFAVAGT
LAKGPVRIRNCDNVKTSFPNFVELANEVGMNVKGVRGRGGF
;
_entity_poly.pdbx_strand_id   A
#
# COMPACT_ATOMS: atom_id res chain seq x y z
N ALA A 3 18.76 -13.09 10.33
CA ALA A 3 17.80 -13.30 9.17
C ALA A 3 16.77 -14.37 9.50
N MET A 4 15.51 -14.09 9.21
CA MET A 4 14.43 -15.02 9.45
C MET A 4 13.75 -15.45 8.10
N ASP A 5 13.33 -16.73 7.98
CA ASP A 5 12.56 -17.28 6.82
C ASP A 5 11.19 -17.68 7.32
N TYR A 6 10.23 -17.79 6.42
CA TYR A 6 9.02 -18.49 6.71
C TYR A 6 9.18 -19.91 6.19
N GLN A 7 8.51 -20.86 6.86
CA GLN A 7 8.45 -22.27 6.43
C GLN A 7 7.02 -22.69 6.59
N THR A 8 6.38 -23.15 5.52
CA THR A 8 5.00 -23.62 5.59
C THR A 8 4.89 -25.15 5.49
N ILE A 9 3.75 -25.70 5.92
CA ILE A 9 3.25 -27.00 5.50
C ILE A 9 1.78 -26.82 5.08
N PRO A 10 1.23 -27.73 4.22
CA PRO A 10 -0.13 -27.50 3.63
C PRO A 10 -1.25 -27.35 4.68
N SER A 11 -2.39 -26.78 4.29
CA SER A 11 -3.43 -26.44 5.23
C SER A 11 -4.61 -27.36 5.03
N GLN A 12 -5.33 -27.73 6.07
CA GLN A 12 -6.46 -28.65 5.81
C GLN A 12 -7.75 -27.87 5.75
N GLY A 13 -7.65 -26.56 5.53
CA GLY A 13 -8.80 -25.70 5.51
C GLY A 13 -8.65 -24.55 6.49
N LEU A 14 -8.86 -23.30 6.02
CA LEU A 14 -8.96 -22.16 6.94
C LEU A 14 -10.32 -22.05 7.59
N SER A 15 -10.29 -21.53 8.80
CA SER A 15 -11.40 -21.48 9.68
C SER A 15 -11.33 -20.24 10.57
N GLY A 16 -12.46 -19.61 10.84
CA GLY A 16 -12.55 -18.64 11.88
C GLY A 16 -12.82 -17.22 11.40
N GLU A 17 -12.80 -16.32 12.35
CA GLU A 17 -13.10 -14.97 12.09
C GLU A 17 -11.92 -14.11 12.58
N ILE A 18 -11.30 -13.35 11.69
CA ILE A 18 -10.23 -12.45 12.14
C ILE A 18 -10.40 -10.98 11.64
N CYS A 19 -9.86 -10.04 12.46
CA CYS A 19 -9.64 -8.62 12.11
C CYS A 19 -8.24 -8.46 11.61
N VAL A 20 -8.07 -8.17 10.36
CA VAL A 20 -6.71 -7.74 9.92
C VAL A 20 -6.35 -6.35 10.52
N PRO A 21 -5.03 -5.99 10.63
CA PRO A 21 -4.73 -4.67 11.21
C PRO A 21 -4.92 -3.52 10.19
N GLY A 22 -4.71 -2.30 10.65
CA GLY A 22 -5.01 -1.08 9.87
C GLY A 22 -4.44 -0.88 8.45
N ASP A 23 -5.10 -0.01 7.68
CA ASP A 23 -4.70 0.35 6.36
C ASP A 23 -3.42 1.24 6.30
N LYS A 24 -2.41 0.73 5.62
CA LYS A 24 -1.11 1.41 5.54
C LYS A 24 -1.22 2.79 4.86
N SER A 25 -1.92 2.82 3.73
CA SER A 25 -2.10 3.99 2.88
C SER A 25 -2.84 5.09 3.60
N ILE A 26 -3.96 4.73 4.25
CA ILE A 26 -4.70 5.70 5.01
C ILE A 26 -3.91 6.16 6.24
N SER A 27 -3.27 5.23 6.95
CA SER A 27 -2.40 5.59 8.12
C SER A 27 -1.35 6.68 7.79
N HIS A 28 -0.65 6.54 6.66
CA HIS A 28 0.38 7.50 6.31
C HIS A 28 -0.26 8.87 6.18
N ARG A 29 -1.39 8.95 5.45
CA ARG A 29 -2.13 10.25 5.22
C ARG A 29 -2.69 10.82 6.51
N ALA A 30 -3.20 9.94 7.36
CA ALA A 30 -3.83 10.38 8.60
C ALA A 30 -2.84 11.04 9.57
N VAL A 31 -1.65 10.44 9.75
CA VAL A 31 -0.74 11.08 10.70
C VAL A 31 -0.13 12.33 10.01
N LEU A 32 0.26 12.23 8.77
CA LEU A 32 0.77 13.44 8.08
C LEU A 32 -0.22 14.63 8.21
N LEU A 33 -1.47 14.43 7.83
CA LEU A 33 -2.39 15.55 7.92
C LEU A 33 -2.62 16.01 9.37
N ALA A 34 -2.71 15.05 10.30
CA ALA A 34 -2.98 15.44 11.69
C ALA A 34 -1.85 16.30 12.25
N ALA A 35 -0.64 15.97 11.82
CA ALA A 35 0.60 16.66 12.28
C ALA A 35 0.57 18.16 12.07
N ILE A 36 0.02 18.56 10.93
CA ILE A 36 -0.03 20.00 10.58
C ILE A 36 -1.43 20.60 10.77
N ALA A 37 -2.38 19.79 11.25
CA ALA A 37 -3.67 20.31 11.54
C ALA A 37 -3.58 21.17 12.80
N GLU A 38 -4.71 21.83 13.08
CA GLU A 38 -4.86 22.60 14.29
C GLU A 38 -5.80 21.92 15.25
N GLY A 39 -5.32 21.70 16.48
CA GLY A 39 -6.07 20.90 17.47
C GLY A 39 -5.57 19.45 17.52
N GLN A 40 -6.30 18.67 18.30
CA GLN A 40 -5.90 17.37 18.72
C GLN A 40 -6.70 16.38 17.94
N THR A 41 -5.96 15.53 17.20
CA THR A 41 -6.53 14.36 16.47
C THR A 41 -6.16 13.01 17.12
N GLN A 42 -7.20 12.24 17.41
CA GLN A 42 -7.09 10.86 17.87
C GLN A 42 -7.23 9.93 16.71
N VAL A 43 -6.21 9.09 16.50
CA VAL A 43 -6.22 8.12 15.42
C VAL A 43 -6.35 6.67 15.95
N ASP A 44 -7.48 6.01 15.62
CA ASP A 44 -7.73 4.56 15.86
C ASP A 44 -7.40 3.71 14.62
N GLY A 45 -6.99 2.48 14.86
CA GLY A 45 -6.72 1.56 13.83
C GLY A 45 -5.42 1.88 13.11
N PHE A 46 -4.59 2.71 13.72
CA PHE A 46 -3.34 3.11 13.06
C PHE A 46 -2.47 1.87 12.89
N LEU A 47 -1.83 1.72 11.74
CA LEU A 47 -1.10 0.54 11.48
C LEU A 47 0.28 0.68 12.06
N MET A 48 0.56 -0.17 13.05
CA MET A 48 1.82 -0.12 13.76
C MET A 48 2.96 -0.94 13.13
N GLY A 49 3.24 -0.72 11.82
CA GLY A 49 4.29 -1.46 11.08
C GLY A 49 5.52 -0.58 10.90
N ALA A 50 6.61 -1.10 10.30
CA ALA A 50 7.86 -0.29 10.21
C ALA A 50 7.67 0.91 9.32
N ASP A 51 6.94 0.74 8.22
CA ASP A 51 6.65 1.89 7.32
C ASP A 51 5.92 3.08 7.96
N ASN A 52 4.83 2.80 8.66
CA ASN A 52 4.00 3.87 9.20
C ASN A 52 4.75 4.43 10.39
N LEU A 53 5.45 3.57 11.08
CA LEU A 53 6.24 4.11 12.17
C LEU A 53 7.39 4.96 11.68
N ALA A 54 7.88 4.71 10.46
CA ALA A 54 9.04 5.51 9.94
C ALA A 54 8.56 6.91 9.60
N MET A 55 7.33 6.97 9.04
CA MET A 55 6.59 8.23 8.85
C MET A 55 6.37 9.00 10.14
N VAL A 56 5.91 8.31 11.20
CA VAL A 56 5.77 8.94 12.52
C VAL A 56 7.12 9.59 12.96
N SER A 57 8.21 8.81 12.90
CA SER A 57 9.55 9.31 13.21
C SER A 57 10.03 10.51 12.47
N ALA A 58 9.85 10.47 11.15
CA ALA A 58 10.19 11.58 10.26
C ALA A 58 9.40 12.81 10.72
N LEU A 59 8.09 12.68 10.98
CA LEU A 59 7.33 13.86 11.38
C LEU A 59 7.88 14.45 12.74
N GLN A 60 8.22 13.54 13.64
CA GLN A 60 8.80 13.90 14.93
C GLN A 60 10.18 14.57 14.76
N GLN A 61 10.93 14.22 13.73
CA GLN A 61 12.20 14.88 13.51
C GLN A 61 11.94 16.35 13.22
N MET A 62 10.75 16.65 12.69
CA MET A 62 10.44 18.02 12.32
C MET A 62 9.54 18.67 13.36
N GLY A 63 9.49 18.13 14.57
CA GLY A 63 8.72 18.80 15.64
C GLY A 63 7.19 18.62 15.67
N ALA A 64 6.68 17.53 15.06
CA ALA A 64 5.27 17.10 15.23
C ALA A 64 5.13 16.63 16.64
N SER A 65 3.93 16.81 17.22
CA SER A 65 3.73 16.28 18.55
C SER A 65 2.83 15.07 18.52
N ILE A 66 3.44 13.89 18.49
CA ILE A 66 2.70 12.63 18.28
C ILE A 66 2.93 11.71 19.46
N GLN A 67 1.85 11.24 20.08
CA GLN A 67 2.00 10.19 21.04
C GLN A 67 1.55 8.82 20.47
N VAL A 68 2.37 7.82 20.72
CA VAL A 68 2.21 6.56 20.12
C VAL A 68 1.78 5.60 21.23
N ILE A 69 0.60 5.01 21.11
CA ILE A 69 0.25 3.94 22.02
C ILE A 69 0.17 2.67 21.22
N GLU A 70 1.33 2.06 21.11
CA GLU A 70 1.46 0.94 20.22
C GLU A 70 0.46 -0.19 20.40
N ASP A 71 0.31 -0.70 21.63
CA ASP A 71 -0.60 -1.90 21.80
C ASP A 71 -2.08 -1.63 21.60
N GLU A 72 -2.53 -0.36 21.58
CA GLU A 72 -3.91 -0.13 21.19
C GLU A 72 -4.07 0.33 19.74
N ASN A 73 -2.98 0.53 19.00
CA ASN A 73 -3.09 1.06 17.59
C ASN A 73 -3.66 2.47 17.51
N ILE A 74 -3.30 3.27 18.50
CA ILE A 74 -3.77 4.57 18.69
C ILE A 74 -2.56 5.52 18.58
N LEU A 75 -2.72 6.60 17.80
CA LEU A 75 -1.91 7.80 18.00
C LEU A 75 -2.80 8.91 18.56
N VAL A 76 -2.20 9.71 19.45
CA VAL A 76 -2.76 11.01 19.81
C VAL A 76 -1.86 12.12 19.28
N VAL A 77 -2.42 12.95 18.38
CA VAL A 77 -1.63 13.94 17.66
C VAL A 77 -2.05 15.32 18.10
N GLU A 78 -1.06 16.06 18.59
CA GLU A 78 -1.32 17.41 18.94
C GLU A 78 -0.85 18.31 17.79
N GLY A 79 -1.77 18.73 16.89
CA GLY A 79 -1.46 19.57 15.69
C GLY A 79 -0.52 20.77 15.94
N VAL A 80 0.41 21.06 15.01
CA VAL A 80 1.24 22.28 15.07
C VAL A 80 0.83 23.36 14.00
N GLY A 81 -0.30 23.18 13.30
CA GLY A 81 -0.66 24.10 12.23
C GLY A 81 0.22 23.97 10.98
N MET A 82 -0.16 24.70 9.92
CA MET A 82 0.49 24.54 8.59
C MET A 82 1.96 24.83 8.62
N THR A 83 2.30 25.82 9.44
CA THR A 83 3.62 26.43 9.51
C THR A 83 4.39 26.00 10.79
N GLY A 84 3.87 25.06 11.56
CA GLY A 84 4.55 24.68 12.83
C GLY A 84 5.72 23.68 12.79
N LEU A 85 6.11 23.29 11.57
CA LEU A 85 7.16 22.29 11.44
C LEU A 85 8.53 22.96 11.62
N GLN A 86 9.48 22.19 12.10
CA GLN A 86 10.84 22.75 12.26
C GLN A 86 11.79 21.97 11.39
N ALA A 87 12.87 22.65 10.99
CA ALA A 87 13.96 22.10 10.19
C ALA A 87 14.64 20.86 10.83
N PRO A 88 14.56 19.70 10.19
CA PRO A 88 15.14 18.52 10.84
C PRO A 88 16.67 18.57 10.87
N PRO A 89 17.32 18.01 11.89
CA PRO A 89 18.77 18.13 11.78
C PRO A 89 19.44 17.12 10.83
N GLU A 90 18.89 15.92 10.67
CA GLU A 90 19.50 14.88 9.81
C GLU A 90 18.55 14.55 8.67
N ALA A 91 19.05 13.73 7.75
CA ALA A 91 18.25 13.19 6.68
C ALA A 91 17.13 12.39 7.28
N LEU A 92 15.92 12.51 6.71
CA LEU A 92 14.76 11.64 7.04
C LEU A 92 14.84 10.26 6.39
N ASP A 93 15.06 9.26 7.24
CA ASP A 93 15.07 7.88 6.86
C ASP A 93 13.68 7.31 6.72
N CYS A 94 13.20 7.12 5.49
CA CYS A 94 11.85 6.52 5.23
C CYS A 94 11.83 4.97 5.12
N GLY A 95 12.93 4.33 5.53
CA GLY A 95 13.01 2.86 5.56
C GLY A 95 12.63 2.34 4.19
N ASN A 96 11.56 1.57 4.12
CA ASN A 96 11.20 0.80 2.95
C ASN A 96 10.01 1.49 2.32
N SER A 97 9.61 2.67 2.87
CA SER A 97 8.27 3.17 2.53
C SER A 97 8.27 4.20 1.36
N GLY A 98 7.76 3.74 0.22
CA GLY A 98 7.67 4.60 -0.94
C GLY A 98 6.66 5.71 -0.69
N THR A 99 5.56 5.35 -0.06
CA THR A 99 4.50 6.29 0.20
C THR A 99 5.01 7.42 1.06
N ALA A 100 5.84 7.11 2.06
CA ALA A 100 6.38 8.16 2.92
C ALA A 100 7.31 9.17 2.20
N ILE A 101 8.29 8.67 1.45
CA ILE A 101 9.18 9.59 0.75
C ILE A 101 8.38 10.46 -0.27
N ARG A 102 7.41 9.87 -0.97
CA ARG A 102 6.78 10.64 -2.07
C ARG A 102 5.83 11.70 -1.47
N LEU A 103 5.20 11.36 -0.34
CA LEU A 103 4.26 12.27 0.29
C LEU A 103 4.97 13.30 1.08
N LEU A 104 6.00 12.91 1.82
CA LEU A 104 6.80 13.90 2.49
C LEU A 104 7.37 14.91 1.46
N SER A 105 7.84 14.44 0.33
CA SER A 105 8.37 15.37 -0.61
C SER A 105 7.38 16.47 -0.93
N GLY A 106 6.12 16.10 -1.17
CA GLY A 106 5.07 17.13 -1.40
C GLY A 106 4.84 18.07 -0.22
N LEU A 107 4.80 17.52 0.98
CA LEU A 107 4.74 18.31 2.18
C LEU A 107 5.92 19.30 2.32
N LEU A 108 7.11 18.90 1.85
CA LEU A 108 8.34 19.58 2.31
C LEU A 108 8.84 20.64 1.32
N ALA A 109 8.27 20.56 0.12
CA ALA A 109 8.61 21.36 -1.02
C ALA A 109 8.32 22.86 -0.83
N GLY A 110 7.35 23.16 0.04
CA GLY A 110 6.83 24.51 0.32
C GLY A 110 7.12 25.06 1.73
N GLN A 111 8.00 24.34 2.42
CA GLN A 111 8.54 24.68 3.72
C GLN A 111 9.60 25.76 3.55
N PRO A 112 9.70 26.66 4.52
CA PRO A 112 10.83 27.60 4.51
C PRO A 112 12.14 27.03 5.15
N PHE A 113 12.49 25.79 4.77
CA PHE A 113 13.76 25.15 5.20
C PHE A 113 14.09 24.00 4.27
N ASN A 114 15.17 23.27 4.57
CA ASN A 114 15.71 22.22 3.69
C ASN A 114 15.75 20.84 4.33
N THR A 115 15.61 19.79 3.51
CA THR A 115 15.38 18.46 4.03
C THR A 115 16.07 17.48 3.11
N VAL A 116 16.70 16.46 3.68
CA VAL A 116 17.20 15.34 2.88
C VAL A 116 16.26 14.16 3.16
N LEU A 117 15.83 13.46 2.12
CA LEU A 117 14.94 12.32 2.30
C LEU A 117 15.61 11.09 1.70
N THR A 118 15.71 10.02 2.45
CA THR A 118 16.33 8.83 1.91
C THR A 118 15.64 7.58 2.49
N GLY A 119 16.14 6.37 2.17
CA GLY A 119 15.63 5.09 2.81
C GLY A 119 16.56 3.93 2.63
N ASP A 120 16.01 2.72 2.59
CA ASP A 120 16.81 1.53 2.47
C ASP A 120 17.21 1.32 0.98
N SER A 121 18.01 0.27 0.74
CA SER A 121 18.45 -0.17 -0.57
C SER A 121 17.38 -0.24 -1.60
N SER A 122 16.25 -0.85 -1.22
CA SER A 122 15.13 -0.95 -2.10
C SER A 122 14.50 0.46 -2.39
N LEU A 123 14.19 1.20 -1.33
CA LEU A 123 13.72 2.56 -1.50
C LEU A 123 14.63 3.38 -2.45
N GLN A 124 15.95 3.17 -2.38
CA GLN A 124 16.93 3.96 -3.15
C GLN A 124 16.94 3.64 -4.65
N ARG A 125 16.13 2.66 -5.06
CA ARG A 125 16.02 2.29 -6.47
C ARG A 125 14.66 2.69 -6.98
N ARG A 126 13.83 3.20 -6.11
CA ARG A 126 12.47 3.42 -6.63
C ARG A 126 12.40 4.78 -7.32
N PRO A 127 11.64 4.86 -8.43
CA PRO A 127 11.69 6.08 -9.32
C PRO A 127 11.06 7.36 -8.73
N MET A 128 11.77 8.48 -8.87
CA MET A 128 11.29 9.79 -8.32
C MET A 128 11.04 10.93 -9.35
N LYS A 129 11.36 10.71 -10.62
CA LYS A 129 11.15 11.69 -11.69
C LYS A 129 9.67 12.14 -11.75
N ARG A 130 8.80 11.15 -11.54
CA ARG A 130 7.39 11.31 -11.56
C ARG A 130 6.93 12.37 -10.52
N ILE A 131 7.69 12.56 -9.42
CA ILE A 131 7.35 13.65 -8.52
C ILE A 131 8.25 14.85 -8.74
N ILE A 132 9.50 14.63 -9.11
CA ILE A 132 10.43 15.74 -9.14
C ILE A 132 9.97 16.75 -10.19
N ASP A 133 9.56 16.23 -11.36
CA ASP A 133 9.18 17.05 -12.50
C ASP A 133 8.03 17.99 -12.14
N PRO A 134 6.83 17.44 -11.75
CA PRO A 134 5.69 18.35 -11.52
C PRO A 134 5.89 19.28 -10.32
N LEU A 135 6.57 18.80 -9.27
CA LEU A 135 6.95 19.70 -8.16
C LEU A 135 7.78 20.90 -8.65
N THR A 136 8.74 20.58 -9.52
CA THR A 136 9.62 21.56 -10.11
C THR A 136 8.80 22.60 -10.94
N LEU A 137 7.73 22.16 -11.63
CA LEU A 137 6.86 23.07 -12.38
C LEU A 137 6.14 24.01 -11.45
N MET A 138 5.96 23.61 -10.20
CA MET A 138 5.36 24.50 -9.16
C MET A 138 6.39 25.47 -8.51
N GLY A 139 7.68 25.26 -8.79
CA GLY A 139 8.78 26.09 -8.29
C GLY A 139 9.75 25.41 -7.30
N ALA A 140 9.58 24.12 -7.03
CA ALA A 140 10.52 23.35 -6.14
C ALA A 140 11.92 23.20 -6.72
N LYS A 141 12.93 23.17 -5.85
CA LYS A 141 14.26 22.75 -6.26
C LYS A 141 14.49 21.48 -5.49
N ILE A 142 14.90 20.42 -6.21
CA ILE A 142 15.19 19.10 -5.64
C ILE A 142 16.35 18.48 -6.40
N ASP A 143 17.43 18.21 -5.70
CA ASP A 143 18.57 17.55 -6.31
C ASP A 143 18.54 16.05 -6.06
N SER A 144 18.94 15.29 -7.08
CA SER A 144 19.15 13.85 -6.99
C SER A 144 20.05 13.33 -8.10
N THR A 145 20.79 12.26 -7.83
CA THR A 145 21.48 11.51 -8.87
C THR A 145 20.59 10.38 -9.39
N GLY A 146 20.27 10.46 -10.68
CA GLY A 146 19.68 9.35 -11.43
C GLY A 146 18.22 9.22 -11.05
N ASN A 147 17.63 10.35 -10.64
CA ASN A 147 16.20 10.43 -10.36
C ASN A 147 15.67 9.39 -9.36
N VAL A 148 16.55 9.00 -8.44
CA VAL A 148 16.23 8.12 -7.27
C VAL A 148 16.63 8.79 -5.95
N PRO A 149 16.06 8.37 -4.80
CA PRO A 149 16.55 8.89 -3.51
C PRO A 149 18.02 8.58 -3.33
N PRO A 150 18.76 9.33 -2.48
CA PRO A 150 18.26 10.42 -1.64
C PRO A 150 17.82 11.66 -2.41
N LEU A 151 16.83 12.37 -1.88
CA LEU A 151 16.39 13.64 -2.42
C LEU A 151 16.85 14.77 -1.51
N LYS A 152 17.39 15.86 -2.06
CA LYS A 152 17.65 17.04 -1.25
C LYS A 152 16.73 18.15 -1.75
N ILE A 153 15.89 18.61 -0.83
CA ILE A 153 14.85 19.54 -1.12
C ILE A 153 15.22 20.89 -0.52
N TYR A 154 15.40 21.85 -1.39
CA TYR A 154 15.57 23.25 -1.05
C TYR A 154 14.15 23.86 -1.00
N GLY A 155 13.53 23.81 0.18
CA GLY A 155 12.15 24.31 0.38
C GLY A 155 11.95 25.71 -0.21
N ASN A 156 10.76 25.92 -0.77
CA ASN A 156 10.33 27.17 -1.34
C ASN A 156 8.95 27.60 -0.82
N PRO A 157 8.95 28.54 0.10
CA PRO A 157 7.63 28.84 0.67
C PRO A 157 6.78 29.73 -0.28
N ARG A 158 7.16 29.76 -1.57
CA ARG A 158 6.42 30.49 -2.59
C ARG A 158 6.28 29.69 -3.88
N LEU A 159 5.72 28.49 -3.75
CA LEU A 159 5.24 27.68 -4.87
C LEU A 159 4.01 28.31 -5.48
N THR A 160 3.82 28.05 -6.77
CA THR A 160 2.59 28.47 -7.44
C THR A 160 1.93 27.19 -7.87
N GLY A 161 0.60 27.11 -7.78
CA GLY A 161 -0.13 25.90 -8.18
C GLY A 161 -0.04 25.63 -9.69
N ILE A 162 -0.15 24.36 -10.08
CA ILE A 162 -0.14 23.99 -11.50
C ILE A 162 -1.46 23.32 -11.90
N HIS A 163 -1.70 23.17 -13.20
CA HIS A 163 -2.72 22.21 -13.64
C HIS A 163 -1.96 21.05 -14.30
N TYR A 164 -2.22 19.82 -13.88
CA TYR A 164 -1.31 18.74 -14.25
C TYR A 164 -2.00 17.41 -14.53
N GLN A 165 -1.59 16.76 -15.62
CA GLN A 165 -2.07 15.41 -15.91
C GLN A 165 -1.11 14.32 -15.48
N LEU A 166 -1.57 13.35 -14.68
CA LEU A 166 -0.72 12.18 -14.32
C LEU A 166 -0.37 11.38 -15.56
N PRO A 167 0.92 11.07 -15.78
CA PRO A 167 1.17 10.19 -16.95
C PRO A 167 1.09 8.64 -16.65
N MET A 168 1.22 8.23 -15.40
CA MET A 168 0.86 6.86 -14.96
C MET A 168 -0.19 7.03 -13.87
N ALA A 169 -0.98 6.00 -13.61
CA ALA A 169 -2.08 6.06 -12.66
C ALA A 169 -1.54 5.90 -11.19
N SER A 170 -0.82 6.93 -10.71
CA SER A 170 -0.13 6.88 -9.40
C SER A 170 -0.79 7.75 -8.33
N ALA A 171 -1.30 7.16 -7.25
CA ALA A 171 -1.96 7.94 -6.17
C ALA A 171 -0.94 8.74 -5.37
N GLN A 172 0.31 8.26 -5.38
CA GLN A 172 1.39 8.86 -4.62
C GLN A 172 1.75 10.21 -5.28
N VAL A 173 1.87 10.15 -6.61
CA VAL A 173 2.12 11.32 -7.38
C VAL A 173 0.92 12.32 -7.12
N LYS A 174 -0.32 11.85 -7.26
CA LYS A 174 -1.48 12.70 -7.04
C LYS A 174 -1.46 13.29 -5.64
N SER A 175 -1.12 12.45 -4.67
CA SER A 175 -1.09 12.86 -3.26
C SER A 175 0.04 13.87 -2.97
N CYS A 176 1.20 13.62 -3.55
CA CYS A 176 2.34 14.45 -3.38
C CYS A 176 1.95 15.84 -3.81
N LEU A 177 1.25 15.92 -4.93
CA LEU A 177 1.01 17.20 -5.55
C LEU A 177 -0.08 18.00 -4.81
N LEU A 178 -1.06 17.30 -4.24
CA LEU A 178 -2.09 17.98 -3.50
C LEU A 178 -1.53 18.56 -2.22
N LEU A 179 -0.73 17.79 -1.51
CA LEU A 179 0.04 18.27 -0.32
C LEU A 179 0.79 19.57 -0.64
N ALA A 180 1.61 19.58 -1.71
CA ALA A 180 2.26 20.80 -2.15
C ALA A 180 1.22 21.86 -2.45
N GLY A 181 0.11 21.44 -3.04
CA GLY A 181 -1.00 22.32 -3.39
C GLY A 181 -1.53 23.12 -2.20
N LEU A 182 -1.44 22.55 -1.00
CA LEU A 182 -1.99 23.27 0.15
C LEU A 182 -1.07 24.40 0.52
N TYR A 183 0.17 24.37 0.01
CA TYR A 183 1.12 25.46 0.31
C TYR A 183 1.34 26.43 -0.82
N ALA A 184 0.80 26.15 -2.00
CA ALA A 184 1.12 26.95 -3.18
C ALA A 184 0.15 28.14 -3.32
N ARG A 185 0.60 29.21 -3.96
CA ARG A 185 -0.28 30.32 -4.26
C ARG A 185 -1.22 29.94 -5.44
N GLY A 186 -2.53 30.15 -5.27
CA GLY A 186 -3.53 29.75 -6.28
C GLY A 186 -3.97 28.28 -6.26
N LYS A 187 -4.53 27.84 -7.38
CA LYS A 187 -5.28 26.60 -7.55
C LYS A 187 -4.34 25.48 -8.04
N THR A 188 -4.39 24.30 -7.42
CA THR A 188 -3.65 23.16 -7.99
C THR A 188 -4.67 22.10 -8.49
N CYS A 189 -4.59 21.72 -9.76
CA CYS A 189 -5.52 20.75 -10.30
C CYS A 189 -4.84 19.56 -10.93
N ILE A 190 -5.11 18.39 -10.33
CA ILE A 190 -4.70 17.10 -10.88
C ILE A 190 -5.79 16.44 -11.73
N THR A 191 -5.44 16.19 -12.97
CA THR A 191 -6.24 15.35 -13.81
C THR A 191 -5.58 13.95 -13.88
N GLU A 192 -6.46 12.94 -13.77
CA GLU A 192 -6.17 11.51 -13.61
C GLU A 192 -7.01 10.71 -14.64
N PRO A 193 -6.35 10.13 -15.70
CA PRO A 193 -7.14 9.49 -16.77
C PRO A 193 -7.84 8.22 -16.28
N ALA A 194 -7.16 7.48 -15.40
CA ALA A 194 -7.68 6.29 -14.80
C ALA A 194 -7.71 6.52 -13.28
N PRO A 195 -8.89 6.37 -12.64
CA PRO A 195 -9.00 6.53 -11.17
C PRO A 195 -7.89 5.77 -10.47
N SER A 196 -7.26 6.41 -9.45
CA SER A 196 -6.38 5.72 -8.47
C SER A 196 -6.86 5.90 -7.00
N ARG A 197 -6.29 5.18 -6.04
CA ARG A 197 -6.83 5.29 -4.66
C ARG A 197 -6.94 6.78 -4.14
N ASP A 198 -8.09 7.05 -3.51
CA ASP A 198 -8.53 8.44 -3.32
C ASP A 198 -8.49 8.80 -1.83
N HIS A 199 -7.69 8.06 -1.05
CA HIS A 199 -7.65 8.28 0.38
C HIS A 199 -7.32 9.71 0.76
N THR A 200 -6.48 10.37 -0.06
CA THR A 200 -6.01 11.72 0.28
C THR A 200 -7.20 12.69 0.23
N GLU A 201 -7.86 12.74 -0.93
CA GLU A 201 -9.11 13.42 -1.14
C GLU A 201 -10.12 13.34 0.08
N ARG A 202 -10.33 12.12 0.60
CA ARG A 202 -11.29 11.86 1.66
C ARG A 202 -10.85 12.46 2.98
N LEU A 203 -9.56 12.28 3.30
CA LEU A 203 -9.01 12.88 4.52
C LEU A 203 -8.98 14.45 4.48
N LEU A 204 -8.78 15.02 3.29
CA LEU A 204 -8.87 16.48 3.17
C LEU A 204 -10.28 16.95 3.54
N LYS A 205 -11.32 16.43 2.87
CA LYS A 205 -12.72 16.66 3.24
C LYS A 205 -12.97 16.45 4.76
N HIS A 206 -12.39 15.37 5.32
CA HIS A 206 -12.50 15.01 6.74
C HIS A 206 -11.90 16.10 7.61
N PHE A 207 -10.75 16.62 7.22
CA PHE A 207 -10.08 17.69 7.92
C PHE A 207 -10.61 19.08 7.51
N HIS A 208 -11.74 19.10 6.79
CA HIS A 208 -12.50 20.32 6.44
C HIS A 208 -11.66 21.37 5.64
N TYR A 209 -10.74 20.85 4.81
CA TYR A 209 -10.15 21.57 3.71
C TYR A 209 -11.01 21.38 2.49
N THR A 210 -11.41 22.46 1.81
CA THR A 210 -12.37 22.22 0.72
C THR A 210 -11.60 21.80 -0.54
N LEU A 211 -12.33 21.11 -1.37
CA LEU A 211 -11.78 20.36 -2.44
C LEU A 211 -12.85 20.46 -3.50
N GLN A 212 -12.53 20.22 -4.77
CA GLN A 212 -13.59 20.19 -5.78
C GLN A 212 -13.33 19.20 -6.90
N LYS A 213 -14.21 18.19 -7.07
CA LYS A 213 -14.27 17.37 -8.30
C LYS A 213 -14.72 18.27 -9.47
N ASP A 214 -14.21 18.02 -10.68
CA ASP A 214 -14.56 18.87 -11.84
C ASP A 214 -15.03 18.01 -13.00
N LYS A 215 -14.09 17.35 -13.67
CA LYS A 215 -14.44 16.28 -14.58
C LYS A 215 -13.66 15.05 -14.08
N GLN A 216 -12.51 14.77 -14.68
CA GLN A 216 -11.55 13.82 -14.12
C GLN A 216 -10.67 14.54 -13.11
N SER A 217 -10.83 15.86 -13.01
CA SER A 217 -9.91 16.68 -12.25
C SER A 217 -10.32 16.80 -10.75
N ILE A 218 -9.32 17.08 -9.91
CA ILE A 218 -9.52 17.43 -8.51
C ILE A 218 -8.58 18.60 -8.15
N CYS A 219 -9.11 19.66 -7.52
CA CYS A 219 -8.36 20.87 -7.22
C CYS A 219 -8.43 21.22 -5.74
N VAL A 220 -7.34 21.79 -5.24
CA VAL A 220 -7.28 22.56 -3.98
C VAL A 220 -6.67 23.95 -4.22
N SER A 221 -7.03 24.91 -3.35
CA SER A 221 -6.24 26.15 -3.24
C SER A 221 -5.36 26.24 -2.01
N GLY A 222 -4.15 26.76 -2.22
CA GLY A 222 -3.11 26.92 -1.19
C GLY A 222 -3.50 27.86 -0.08
N GLY A 223 -2.89 27.68 1.10
CA GLY A 223 -3.16 28.51 2.27
C GLY A 223 -4.46 28.32 3.07
N GLY A 224 -5.27 27.28 2.81
CA GLY A 224 -6.39 26.92 3.72
C GLY A 224 -5.85 26.34 5.05
N LYS A 225 -6.74 26.01 5.98
CA LYS A 225 -6.32 25.50 7.30
C LYS A 225 -6.93 24.08 7.49
N LEU A 226 -6.10 23.13 8.00
CA LEU A 226 -6.56 21.77 8.34
C LEU A 226 -7.13 21.66 9.77
N LYS A 227 -8.37 21.19 9.93
CA LYS A 227 -9.05 21.15 11.29
C LYS A 227 -9.05 19.73 11.89
N ALA A 228 -8.49 19.58 13.11
CA ALA A 228 -8.45 18.30 13.88
C ALA A 228 -9.81 17.64 13.99
N ASN A 229 -9.81 16.33 13.77
CA ASN A 229 -11.04 15.55 13.70
C ASN A 229 -10.59 14.11 13.82
N ASP A 230 -11.23 13.41 14.73
CA ASP A 230 -10.81 12.07 15.13
C ASP A 230 -10.95 11.12 13.99
N ILE A 231 -9.98 10.24 13.84
CA ILE A 231 -10.00 9.26 12.73
C ILE A 231 -9.89 7.84 13.20
N SER A 232 -10.71 7.05 12.58
CA SER A 232 -10.80 5.67 12.85
C SER A 232 -10.52 4.91 11.50
N ILE A 233 -9.42 4.14 11.46
CA ILE A 233 -8.87 3.56 10.27
C ILE A 233 -9.35 2.09 10.06
N PRO A 234 -9.89 1.80 8.90
CA PRO A 234 -10.44 0.47 8.73
C PRO A 234 -9.32 -0.50 8.38
N GLY A 235 -9.61 -1.82 8.35
CA GLY A 235 -8.58 -2.78 8.08
C GLY A 235 -8.06 -2.63 6.63
N ASP A 236 -6.79 -2.96 6.43
CA ASP A 236 -6.19 -2.92 5.10
C ASP A 236 -6.68 -4.08 4.28
N ILE A 237 -7.40 -3.80 3.23
CA ILE A 237 -7.84 -4.91 2.39
C ILE A 237 -6.70 -5.61 1.66
N SER A 238 -5.59 -4.89 1.48
CA SER A 238 -4.33 -5.54 1.02
C SER A 238 -3.84 -6.64 1.93
N SER A 239 -4.04 -6.41 3.23
CA SER A 239 -3.70 -7.42 4.20
C SER A 239 -4.73 -8.55 4.17
N ALA A 240 -6.00 -8.19 3.96
CA ALA A 240 -7.03 -9.18 3.87
C ALA A 240 -6.91 -9.97 2.58
N ALA A 241 -6.41 -9.34 1.53
CA ALA A 241 -6.25 -10.11 0.30
C ALA A 241 -5.52 -11.48 0.48
N PHE A 242 -4.47 -11.58 1.34
CA PHE A 242 -3.77 -12.89 1.51
C PHE A 242 -4.70 -14.01 2.02
N PHE A 243 -5.51 -13.70 3.03
CA PHE A 243 -6.46 -14.63 3.52
C PHE A 243 -7.60 -14.84 2.56
N ILE A 244 -8.04 -13.80 1.86
CA ILE A 244 -9.13 -14.00 0.85
C ILE A 244 -8.78 -15.09 -0.17
N VAL A 245 -7.55 -15.05 -0.69
CA VAL A 245 -6.99 -16.07 -1.61
C VAL A 245 -6.80 -17.44 -1.00
N ALA A 246 -6.17 -17.41 0.16
CA ALA A 246 -5.85 -18.60 0.89
C ALA A 246 -7.10 -19.44 1.12
N ALA A 247 -8.18 -18.80 1.59
CA ALA A 247 -9.42 -19.51 1.82
C ALA A 247 -10.10 -19.91 0.50
N THR A 248 -9.87 -19.14 -0.54
CA THR A 248 -10.47 -19.43 -1.83
C THR A 248 -9.92 -20.75 -2.38
N ILE A 249 -8.59 -20.91 -2.32
CA ILE A 249 -7.91 -22.06 -2.92
C ILE A 249 -7.73 -23.27 -2.02
N THR A 250 -7.85 -23.09 -0.70
CA THR A 250 -7.73 -24.24 0.20
C THR A 250 -9.07 -24.95 0.46
N PRO A 251 -9.22 -26.20 0.01
CA PRO A 251 -10.48 -26.96 0.31
C PRO A 251 -10.86 -27.08 1.80
N GLY A 252 -12.16 -27.04 2.08
CA GLY A 252 -12.65 -27.04 3.44
C GLY A 252 -12.64 -25.69 4.14
N SER A 253 -12.20 -24.63 3.46
CA SER A 253 -12.14 -23.27 4.05
C SER A 253 -13.44 -22.50 4.07
N ALA A 254 -13.63 -21.80 5.15
CA ALA A 254 -14.72 -20.82 5.30
C ALA A 254 -14.31 -19.83 6.40
N ILE A 255 -14.27 -18.53 6.10
CA ILE A 255 -13.75 -17.51 7.06
C ILE A 255 -14.55 -16.22 6.94
N ARG A 256 -14.68 -15.48 8.05
CA ARG A 256 -15.21 -14.11 8.00
C ARG A 256 -14.07 -13.11 8.31
N LEU A 257 -13.96 -12.05 7.54
CA LEU A 257 -12.94 -11.00 7.80
C LEU A 257 -13.65 -9.72 8.17
N CYS A 258 -13.39 -9.28 9.40
CA CYS A 258 -14.16 -8.24 10.04
C CYS A 258 -13.61 -6.88 9.75
N ARG A 259 -14.49 -5.94 9.43
CA ARG A 259 -14.11 -4.53 9.50
C ARG A 259 -12.97 -4.18 8.49
N VAL A 260 -13.01 -4.75 7.31
CA VAL A 260 -12.03 -4.44 6.29
C VAL A 260 -12.48 -3.25 5.46
N GLY A 261 -11.52 -2.41 5.03
CA GLY A 261 -11.83 -1.31 4.14
C GLY A 261 -12.27 -1.90 2.80
N VAL A 262 -13.36 -1.37 2.27
CA VAL A 262 -13.82 -1.72 0.91
C VAL A 262 -13.94 -0.50 -0.05
N ASN A 263 -13.01 0.46 0.01
CA ASN A 263 -12.97 1.47 -1.03
C ASN A 263 -13.00 0.88 -2.49
N PRO A 264 -14.01 1.26 -3.34
CA PRO A 264 -14.03 0.64 -4.70
C PRO A 264 -12.74 0.85 -5.50
N THR A 265 -11.99 1.91 -5.21
CA THR A 265 -10.66 2.11 -5.79
C THR A 265 -9.64 1.16 -5.21
N ARG A 266 -10.03 0.32 -4.26
CA ARG A 266 -9.12 -0.70 -3.71
C ARG A 266 -9.69 -2.10 -3.91
N LEU A 267 -10.88 -2.21 -4.54
CA LEU A 267 -11.59 -3.51 -4.61
C LEU A 267 -11.13 -4.51 -5.69
N GLY A 268 -10.10 -4.17 -6.45
CA GLY A 268 -9.55 -5.02 -7.49
C GLY A 268 -9.59 -6.51 -7.29
N VAL A 269 -8.98 -6.94 -6.23
CA VAL A 269 -8.72 -8.37 -6.08
C VAL A 269 -10.04 -9.14 -5.93
N ILE A 270 -11.04 -8.53 -5.30
CA ILE A 270 -12.37 -9.15 -5.15
C ILE A 270 -13.11 -9.20 -6.46
N ASN A 271 -13.06 -8.13 -7.23
CA ASN A 271 -13.69 -8.09 -8.54
C ASN A 271 -13.16 -9.15 -9.49
N LEU A 272 -11.84 -9.28 -9.49
CA LEU A 272 -11.12 -10.24 -10.30
C LEU A 272 -11.30 -11.67 -9.81
N LEU A 273 -11.15 -11.92 -8.51
CA LEU A 273 -11.43 -13.29 -8.06
C LEU A 273 -12.89 -13.70 -8.42
N LYS A 274 -13.83 -12.74 -8.29
CA LYS A 274 -15.25 -13.04 -8.63
C LYS A 274 -15.33 -13.50 -10.10
N MET A 275 -14.68 -12.76 -11.02
CA MET A 275 -14.59 -13.20 -12.44
C MET A 275 -14.06 -14.60 -12.58
N MET A 276 -13.17 -14.98 -11.66
CA MET A 276 -12.48 -16.24 -11.75
C MET A 276 -13.33 -17.37 -11.22
N GLY A 277 -14.53 -17.03 -10.72
CA GLY A 277 -15.46 -17.95 -10.03
C GLY A 277 -15.40 -18.06 -8.47
N ALA A 278 -14.76 -17.11 -7.79
CA ALA A 278 -14.59 -17.21 -6.33
C ALA A 278 -15.90 -16.99 -5.55
N ASP A 279 -15.90 -17.33 -4.26
CA ASP A 279 -17.11 -17.29 -3.43
C ASP A 279 -16.85 -16.29 -2.30
N ILE A 280 -17.33 -15.08 -2.50
CA ILE A 280 -16.93 -13.95 -1.69
C ILE A 280 -18.14 -13.04 -1.50
N GLU A 281 -18.54 -12.90 -0.23
CA GLU A 281 -19.74 -12.22 0.22
C GLU A 281 -19.31 -10.96 0.95
N VAL A 282 -19.78 -9.79 0.54
CA VAL A 282 -19.51 -8.56 1.30
C VAL A 282 -20.73 -8.05 1.95
N THR A 283 -20.69 -7.94 3.28
CA THR A 283 -21.91 -7.57 4.04
C THR A 283 -21.56 -6.51 5.09
N HIS A 284 -22.57 -6.06 5.85
CA HIS A 284 -22.47 -5.08 6.98
C HIS A 284 -21.66 -3.79 6.60
N TYR A 285 -22.04 -3.12 5.51
CA TYR A 285 -21.45 -1.79 5.13
C TYR A 285 -21.57 -0.63 6.16
N THR A 286 -20.45 -0.08 6.67
CA THR A 286 -20.45 1.15 7.49
C THR A 286 -19.75 2.22 6.74
N GLU A 287 -19.59 3.33 7.43
CA GLU A 287 -18.91 4.48 6.94
C GLU A 287 -18.50 5.21 8.16
N LYS A 288 -17.29 4.89 8.59
CA LYS A 288 -16.65 5.72 9.57
C LYS A 288 -15.56 6.54 8.85
N ASN A 289 -15.72 7.86 8.94
CA ASN A 289 -14.76 8.88 8.46
C ASN A 289 -14.59 8.92 6.97
N GLU A 290 -15.68 8.81 6.24
CA GLU A 290 -15.63 8.82 4.76
C GLU A 290 -15.26 7.48 4.14
N GLU A 291 -14.91 6.48 4.92
CA GLU A 291 -14.26 5.30 4.33
C GLU A 291 -15.13 4.10 4.52
N PRO A 292 -15.53 3.50 3.40
CA PRO A 292 -16.38 2.35 3.39
C PRO A 292 -15.66 1.16 4.01
N THR A 293 -16.39 0.46 4.89
CA THR A 293 -15.91 -0.64 5.65
C THR A 293 -16.97 -1.74 5.62
N ALA A 294 -16.53 -2.98 5.56
CA ALA A 294 -17.51 -4.06 5.49
C ALA A 294 -16.92 -5.37 6.00
N ASP A 295 -17.77 -6.36 6.24
CA ASP A 295 -17.34 -7.71 6.60
C ASP A 295 -17.31 -8.63 5.36
N ILE A 296 -16.21 -9.39 5.23
CA ILE A 296 -15.98 -10.26 4.05
C ILE A 296 -15.94 -11.78 4.39
N THR A 297 -16.83 -12.53 3.78
CA THR A 297 -16.96 -13.97 4.01
C THR A 297 -16.39 -14.68 2.81
N VAL A 298 -15.54 -15.66 3.02
CA VAL A 298 -14.87 -16.32 1.92
C VAL A 298 -15.02 -17.82 2.12
N ARG A 299 -15.41 -18.48 1.05
CA ARG A 299 -15.54 -19.93 1.02
C ARG A 299 -14.65 -20.45 -0.12
N HIS A 300 -14.07 -21.63 0.10
CA HIS A 300 -13.35 -22.39 -0.94
C HIS A 300 -14.13 -22.46 -2.27
N ALA A 301 -13.52 -22.06 -3.38
CA ALA A 301 -14.16 -22.27 -4.69
C ALA A 301 -13.09 -22.69 -5.70
N ARG A 302 -13.47 -23.48 -6.73
CA ARG A 302 -12.58 -23.78 -7.84
C ARG A 302 -12.49 -22.56 -8.78
N LEU A 303 -11.31 -22.24 -9.33
CA LEU A 303 -11.12 -21.00 -10.19
C LEU A 303 -10.94 -21.25 -11.69
N LYS A 304 -11.22 -20.23 -12.50
CA LYS A 304 -10.88 -20.33 -13.92
C LYS A 304 -10.01 -19.15 -14.35
N GLY A 305 -8.91 -19.41 -15.08
CA GLY A 305 -8.04 -18.33 -15.64
C GLY A 305 -8.74 -17.16 -16.39
N ILE A 306 -8.20 -15.94 -16.35
CA ILE A 306 -8.86 -14.85 -17.06
C ILE A 306 -7.87 -13.95 -17.79
N ASP A 307 -8.38 -13.24 -18.79
CA ASP A 307 -7.75 -12.01 -19.26
C ASP A 307 -8.18 -10.91 -18.32
N ILE A 308 -7.23 -10.53 -17.49
CA ILE A 308 -7.42 -9.52 -16.50
C ILE A 308 -7.72 -8.26 -17.25
N PRO A 309 -8.93 -7.69 -17.05
CA PRO A 309 -9.26 -6.49 -17.84
C PRO A 309 -8.41 -5.29 -17.39
N PRO A 310 -7.93 -4.48 -18.34
CA PRO A 310 -6.84 -3.57 -17.90
C PRO A 310 -7.26 -2.36 -17.04
N ASP A 311 -8.56 -2.05 -16.96
CA ASP A 311 -9.09 -1.02 -16.04
C ASP A 311 -9.02 -1.43 -14.54
N GLN A 312 -8.97 -2.74 -14.28
CA GLN A 312 -8.76 -3.28 -12.94
C GLN A 312 -7.29 -3.19 -12.47
N VAL A 313 -6.34 -3.03 -13.40
CA VAL A 313 -4.93 -2.99 -12.99
C VAL A 313 -4.67 -1.93 -11.91
N PRO A 314 -5.04 -0.63 -12.13
CA PRO A 314 -4.84 0.33 -11.03
C PRO A 314 -5.53 -0.07 -9.72
N LEU A 315 -6.65 -0.76 -9.81
CA LEU A 315 -7.41 -1.05 -8.61
C LEU A 315 -6.93 -2.32 -7.88
N THR A 316 -5.83 -2.90 -8.33
CA THR A 316 -5.35 -4.21 -7.83
C THR A 316 -3.84 -4.28 -7.67
N ILE A 317 -3.22 -3.12 -7.85
CA ILE A 317 -1.81 -3.04 -8.14
C ILE A 317 -1.02 -3.79 -7.05
N ASP A 318 -1.36 -3.60 -5.78
CA ASP A 318 -0.68 -4.30 -4.70
C ASP A 318 -1.09 -5.79 -4.52
N GLU A 319 -2.22 -6.17 -5.07
CA GLU A 319 -2.68 -7.54 -4.88
C GLU A 319 -2.21 -8.48 -6.00
N PHE A 320 -1.43 -7.98 -6.99
CA PHE A 320 -1.12 -8.96 -8.07
C PHE A 320 -0.23 -10.13 -7.61
N PRO A 321 0.70 -9.89 -6.64
CA PRO A 321 1.45 -11.01 -6.13
C PRO A 321 0.54 -12.15 -5.64
N VAL A 322 -0.44 -11.85 -4.82
CA VAL A 322 -1.21 -12.97 -4.26
C VAL A 322 -2.23 -13.46 -5.29
N LEU A 323 -2.76 -12.53 -6.10
CA LEU A 323 -3.72 -12.91 -7.14
C LEU A 323 -3.06 -13.92 -8.08
N LEU A 324 -1.78 -13.73 -8.39
CA LEU A 324 -1.07 -14.62 -9.29
C LEU A 324 -0.93 -16.03 -8.68
N ILE A 325 -0.86 -16.15 -7.34
CA ILE A 325 -0.95 -17.47 -6.70
C ILE A 325 -2.30 -18.18 -7.03
N ALA A 326 -3.36 -17.41 -7.04
CA ALA A 326 -4.66 -17.91 -7.47
C ALA A 326 -4.60 -18.38 -8.91
N ALA A 327 -3.96 -17.59 -9.76
CA ALA A 327 -3.91 -17.93 -11.17
C ALA A 327 -3.23 -19.28 -11.30
N ALA A 328 -2.20 -19.54 -10.48
CA ALA A 328 -1.36 -20.75 -10.62
C ALA A 328 -2.18 -22.00 -10.36
N VAL A 329 -3.27 -21.87 -9.63
CA VAL A 329 -4.03 -23.08 -9.26
C VAL A 329 -5.48 -23.06 -9.78
N ALA A 330 -5.74 -22.11 -10.69
CA ALA A 330 -6.94 -22.11 -11.54
C ALA A 330 -6.90 -23.17 -12.66
N GLN A 331 -8.08 -23.49 -13.20
CA GLN A 331 -8.10 -24.22 -14.48
C GLN A 331 -7.97 -23.22 -15.66
N GLY A 332 -6.93 -23.42 -16.49
CA GLY A 332 -6.74 -22.61 -17.72
C GLY A 332 -5.72 -21.48 -17.56
N LYS A 333 -5.76 -20.56 -18.49
CA LYS A 333 -4.70 -19.58 -18.73
C LYS A 333 -5.13 -18.26 -18.18
N THR A 334 -4.19 -17.55 -17.53
CA THR A 334 -4.40 -16.17 -17.08
C THR A 334 -3.36 -15.25 -17.71
N VAL A 335 -3.77 -14.06 -18.11
CA VAL A 335 -2.86 -13.12 -18.76
C VAL A 335 -3.08 -11.80 -18.10
N LEU A 336 -2.00 -11.14 -17.69
CA LEU A 336 -2.01 -9.83 -17.15
C LEU A 336 -1.28 -8.85 -18.10
N ARG A 337 -1.96 -7.77 -18.49
CA ARG A 337 -1.35 -6.75 -19.33
C ARG A 337 -1.41 -5.34 -18.67
N ASP A 338 -0.83 -4.31 -19.32
CA ASP A 338 -0.69 -2.93 -18.78
C ASP A 338 -0.35 -2.85 -17.29
N ALA A 339 0.57 -3.71 -16.85
CA ALA A 339 0.97 -3.73 -15.44
C ALA A 339 2.51 -3.50 -15.22
N ALA A 340 3.11 -2.64 -16.05
CA ALA A 340 4.57 -2.39 -15.97
C ALA A 340 4.95 -1.72 -14.66
N GLU A 341 3.99 -1.02 -14.07
CA GLU A 341 4.19 -0.44 -12.74
C GLU A 341 4.70 -1.46 -11.65
N LEU A 342 4.40 -2.73 -11.87
CA LEU A 342 4.75 -3.76 -10.95
C LEU A 342 6.28 -3.90 -10.87
N ARG A 343 6.97 -3.47 -11.92
CA ARG A 343 8.43 -3.62 -12.02
C ARG A 343 9.19 -2.60 -11.19
N VAL A 344 8.53 -1.53 -10.74
CA VAL A 344 9.23 -0.46 -10.03
C VAL A 344 8.87 -0.39 -8.55
N LYS A 345 8.28 -1.45 -8.03
CA LYS A 345 7.88 -1.52 -6.60
C LYS A 345 9.07 -1.83 -5.70
N GLU A 346 8.77 -2.35 -4.50
CA GLU A 346 9.80 -2.66 -3.49
C GLU A 346 10.86 -3.51 -4.11
N THR A 347 10.40 -4.46 -4.91
CA THR A 347 11.21 -5.20 -5.87
C THR A 347 10.47 -5.18 -7.22
N ASP A 348 11.09 -5.75 -8.27
CA ASP A 348 10.39 -5.97 -9.50
C ASP A 348 9.49 -7.18 -9.27
N ARG A 349 8.21 -6.90 -9.14
CA ARG A 349 7.24 -7.95 -8.67
C ARG A 349 6.90 -8.95 -9.73
N ILE A 350 6.98 -8.56 -11.03
CA ILE A 350 6.78 -9.50 -12.11
C ILE A 350 7.96 -10.52 -12.06
N ALA A 351 9.20 -10.03 -12.01
CA ALA A 351 10.33 -10.97 -11.98
C ALA A 351 10.29 -11.87 -10.74
N ALA A 352 9.93 -11.29 -9.58
CA ALA A 352 9.89 -12.04 -8.36
C ALA A 352 8.84 -13.15 -8.42
N MET A 353 7.66 -12.81 -8.93
CA MET A 353 6.60 -13.85 -9.00
C MET A 353 6.87 -14.92 -10.09
N VAL A 354 7.42 -14.55 -11.25
CA VAL A 354 7.77 -15.56 -12.29
C VAL A 354 8.77 -16.52 -11.68
N ASP A 355 9.72 -16.01 -10.92
CA ASP A 355 10.81 -16.86 -10.47
C ASP A 355 10.34 -17.89 -9.44
N GLY A 356 9.58 -17.44 -8.46
CA GLY A 356 9.15 -18.32 -7.43
C GLY A 356 8.08 -19.28 -7.91
N LEU A 357 7.13 -18.79 -8.71
CA LEU A 357 6.19 -19.75 -9.30
C LEU A 357 6.88 -20.89 -10.09
N GLN A 358 7.94 -20.57 -10.84
CA GLN A 358 8.66 -21.64 -11.66
C GLN A 358 9.35 -22.57 -10.75
N LYS A 359 9.85 -22.00 -9.65
CA LYS A 359 10.55 -22.77 -8.68
C LYS A 359 9.60 -23.77 -8.01
N LEU A 360 8.30 -23.43 -7.95
CA LEU A 360 7.24 -24.27 -7.41
C LEU A 360 6.39 -25.03 -8.45
N GLY A 361 6.87 -25.13 -9.69
CA GLY A 361 6.37 -26.07 -10.66
C GLY A 361 5.30 -25.51 -11.59
N ILE A 362 5.16 -24.19 -11.64
CA ILE A 362 4.12 -23.52 -12.38
C ILE A 362 4.74 -22.96 -13.65
N ALA A 363 4.06 -23.15 -14.78
CA ALA A 363 4.55 -22.54 -16.01
C ALA A 363 4.03 -21.11 -16.05
N ALA A 364 4.97 -20.21 -15.92
CA ALA A 364 4.68 -18.79 -15.80
C ALA A 364 5.73 -18.08 -16.60
N GLU A 365 5.31 -17.10 -17.39
CA GLU A 365 6.10 -16.51 -18.43
C GLU A 365 5.91 -14.99 -18.30
N SER A 366 7.02 -14.28 -18.45
CA SER A 366 7.04 -12.86 -18.21
C SER A 366 6.73 -12.06 -19.50
N LEU A 367 6.11 -10.92 -19.33
CA LEU A 367 5.96 -10.01 -20.43
C LEU A 367 6.42 -8.70 -19.92
N PRO A 368 6.84 -7.80 -20.81
CA PRO A 368 7.28 -6.48 -20.24
C PRO A 368 6.23 -5.78 -19.34
N ASP A 369 4.94 -5.95 -19.60
CA ASP A 369 3.91 -5.27 -18.77
C ASP A 369 2.98 -6.25 -18.04
N GLY A 370 3.46 -7.44 -17.72
CA GLY A 370 2.55 -8.42 -17.17
C GLY A 370 3.10 -9.84 -17.18
N VAL A 371 2.21 -10.81 -17.35
CA VAL A 371 2.60 -12.17 -17.11
C VAL A 371 1.60 -13.10 -17.84
N ILE A 372 2.06 -14.29 -18.21
CA ILE A 372 1.15 -15.34 -18.72
C ILE A 372 1.31 -16.50 -17.80
N ILE A 373 0.19 -16.96 -17.20
CA ILE A 373 0.23 -18.07 -16.25
C ILE A 373 -0.57 -19.22 -16.83
N GLN A 374 0.03 -20.41 -16.79
CA GLN A 374 -0.73 -21.61 -17.08
C GLN A 374 -1.14 -22.37 -15.78
N GLY A 375 -2.43 -22.35 -15.47
CA GLY A 375 -2.97 -23.01 -14.27
C GLY A 375 -2.46 -24.41 -14.11
N GLY A 376 -2.04 -24.78 -12.89
CA GLY A 376 -1.30 -26.05 -12.68
C GLY A 376 -1.37 -26.55 -11.23
N THR A 377 -0.24 -27.07 -10.74
CA THR A 377 -0.17 -27.68 -9.42
C THR A 377 1.07 -27.19 -8.68
N LEU A 378 0.86 -26.58 -7.52
CA LEU A 378 1.98 -26.09 -6.71
C LEU A 378 2.69 -27.29 -5.99
N GLU A 379 4.03 -27.35 -6.16
CA GLU A 379 4.87 -28.28 -5.45
C GLU A 379 5.49 -27.53 -4.26
N GLY A 380 6.03 -28.28 -3.29
CA GLY A 380 6.89 -27.69 -2.23
C GLY A 380 8.22 -27.37 -2.84
N GLY A 381 9.01 -26.57 -2.16
CA GLY A 381 10.36 -26.17 -2.57
C GLY A 381 10.76 -24.89 -1.78
N GLU A 382 11.49 -23.98 -2.45
CA GLU A 382 12.10 -22.85 -1.86
C GLU A 382 12.06 -21.67 -2.82
N VAL A 383 11.61 -20.51 -2.32
CA VAL A 383 11.53 -19.31 -3.10
C VAL A 383 12.13 -18.21 -2.31
N ASN A 384 12.50 -17.16 -3.05
CA ASN A 384 13.15 -16.01 -2.50
C ASN A 384 12.11 -14.87 -2.39
N SER A 385 12.10 -14.14 -1.27
CA SER A 385 11.16 -12.99 -1.19
C SER A 385 11.65 -11.72 -1.90
N TYR A 386 12.96 -11.64 -2.22
CA TYR A 386 13.57 -10.42 -2.72
C TYR A 386 13.30 -9.24 -1.82
N ASP A 387 13.17 -9.51 -0.54
CA ASP A 387 12.99 -8.48 0.48
C ASP A 387 11.68 -7.73 0.38
N ASP A 388 10.72 -8.28 -0.38
CA ASP A 388 9.47 -7.63 -0.61
C ASP A 388 8.30 -8.33 0.18
N HIS A 389 7.65 -7.55 1.03
CA HIS A 389 6.68 -8.07 2.02
C HIS A 389 5.60 -8.86 1.35
N ARG A 390 5.18 -8.38 0.21
CA ARG A 390 4.06 -9.00 -0.43
C ARG A 390 4.47 -10.22 -1.22
N ILE A 391 5.71 -10.29 -1.70
CA ILE A 391 6.16 -11.53 -2.31
C ILE A 391 6.25 -12.59 -1.22
N ALA A 392 6.84 -12.23 -0.08
CA ALA A 392 6.87 -13.15 1.09
C ALA A 392 5.48 -13.67 1.48
N MET A 393 4.56 -12.77 1.71
CA MET A 393 3.20 -13.17 2.13
C MET A 393 2.52 -14.01 0.99
N ALA A 394 2.70 -13.64 -0.29
CA ALA A 394 2.06 -14.45 -1.41
C ALA A 394 2.55 -15.90 -1.41
N PHE A 395 3.83 -16.08 -1.20
CA PHE A 395 4.33 -17.46 -1.19
C PHE A 395 3.99 -18.17 0.12
N ALA A 396 3.82 -17.45 1.21
CA ALA A 396 3.21 -18.10 2.40
C ALA A 396 1.78 -18.58 2.09
N VAL A 397 1.00 -17.83 1.33
CA VAL A 397 -0.30 -18.29 0.93
C VAL A 397 -0.15 -19.53 0.03
N ALA A 398 0.84 -19.51 -0.88
CA ALA A 398 0.99 -20.61 -1.82
C ALA A 398 1.22 -21.91 -1.08
N GLY A 399 1.87 -21.81 0.10
CA GLY A 399 2.21 -22.95 0.91
C GLY A 399 0.99 -23.69 1.44
N THR A 400 -0.19 -23.03 1.41
CA THR A 400 -1.38 -23.68 1.92
C THR A 400 -1.79 -24.85 1.05
N LEU A 401 -1.56 -24.75 -0.27
CA LEU A 401 -2.08 -25.75 -1.27
C LEU A 401 -0.94 -26.53 -1.85
N ALA A 402 0.28 -26.00 -1.70
CA ALA A 402 1.45 -26.67 -2.24
C ALA A 402 1.54 -28.12 -1.79
N LYS A 403 2.07 -28.97 -2.64
CA LYS A 403 2.10 -30.39 -2.30
C LYS A 403 3.03 -30.69 -1.13
N GLY A 404 4.09 -29.91 -0.90
CA GLY A 404 4.92 -30.11 0.28
C GLY A 404 5.37 -28.80 0.88
N PRO A 405 6.32 -28.86 1.84
CA PRO A 405 6.61 -27.59 2.55
C PRO A 405 7.14 -26.50 1.58
N VAL A 406 6.90 -25.22 1.91
CA VAL A 406 7.48 -24.11 1.16
C VAL A 406 8.33 -23.26 2.09
N ARG A 407 9.59 -23.10 1.68
CA ARG A 407 10.56 -22.26 2.38
C ARG A 407 10.63 -20.94 1.66
N ILE A 408 10.32 -19.85 2.38
CA ILE A 408 10.32 -18.46 1.83
C ILE A 408 11.46 -17.72 2.48
N ARG A 409 12.54 -17.46 1.74
CA ARG A 409 13.75 -16.81 2.30
C ARG A 409 13.53 -15.31 2.57
N ASN A 410 14.05 -14.86 3.72
CA ASN A 410 14.15 -13.45 4.10
C ASN A 410 12.82 -12.76 4.24
N CYS A 411 12.23 -12.90 5.42
CA CYS A 411 10.90 -12.37 5.62
C CYS A 411 10.89 -11.19 6.61
N ASP A 412 12.02 -10.56 6.92
CA ASP A 412 11.96 -9.53 7.94
C ASP A 412 11.14 -8.29 7.56
N ASN A 413 10.98 -8.03 6.24
CA ASN A 413 10.23 -6.88 5.83
C ASN A 413 8.72 -7.08 5.82
N VAL A 414 8.26 -8.29 6.16
CA VAL A 414 6.81 -8.50 6.34
C VAL A 414 6.23 -7.47 7.36
N LYS A 415 7.00 -7.18 8.40
CA LYS A 415 6.55 -6.25 9.43
C LYS A 415 6.34 -4.76 8.92
N THR A 416 6.70 -4.47 7.65
CA THR A 416 6.51 -3.13 7.11
C THR A 416 5.04 -2.89 6.85
N SER A 417 4.26 -3.92 6.66
CA SER A 417 2.86 -3.70 6.38
C SER A 417 1.94 -4.62 7.18
N PHE A 418 2.50 -5.70 7.75
CA PHE A 418 1.69 -6.68 8.42
C PHE A 418 2.44 -7.28 9.61
N PRO A 419 2.62 -6.51 10.69
CA PRO A 419 3.44 -7.05 11.81
C PRO A 419 2.91 -8.37 12.48
N ASN A 420 1.61 -8.63 12.48
CA ASN A 420 1.13 -9.88 13.12
C ASN A 420 0.72 -10.95 12.12
N PHE A 421 1.35 -10.95 10.95
CA PHE A 421 0.93 -11.86 9.89
C PHE A 421 0.96 -13.34 10.31
N VAL A 422 2.08 -13.79 10.87
CA VAL A 422 2.25 -15.19 11.29
C VAL A 422 1.19 -15.62 12.32
N GLU A 423 0.98 -14.72 13.25
CA GLU A 423 0.06 -15.01 14.32
C GLU A 423 -1.34 -15.18 13.74
N LEU A 424 -1.77 -14.26 12.83
CA LEU A 424 -3.12 -14.37 12.27
C LEU A 424 -3.19 -15.56 11.29
N ALA A 425 -2.12 -15.79 10.53
CA ALA A 425 -2.13 -16.91 9.58
C ALA A 425 -2.38 -18.24 10.36
N ASN A 426 -1.61 -18.50 11.43
CA ASN A 426 -1.81 -19.69 12.21
C ASN A 426 -3.19 -19.72 12.88
N GLU A 427 -3.65 -18.60 13.38
CA GLU A 427 -4.92 -18.59 14.03
C GLU A 427 -6.02 -19.11 13.12
N VAL A 428 -6.01 -18.78 11.82
CA VAL A 428 -7.11 -19.24 10.96
C VAL A 428 -6.89 -20.54 10.26
N GLY A 429 -5.77 -21.21 10.54
CA GLY A 429 -5.43 -22.48 9.92
C GLY A 429 -4.44 -22.46 8.73
N MET A 430 -3.79 -21.33 8.40
CA MET A 430 -2.63 -21.52 7.54
C MET A 430 -1.55 -22.04 8.47
N ASN A 431 -0.51 -22.63 7.89
CA ASN A 431 0.67 -23.00 8.65
C ASN A 431 1.86 -22.22 8.16
N VAL A 432 2.34 -21.35 9.02
CA VAL A 432 3.50 -20.53 8.82
C VAL A 432 4.31 -20.40 10.12
N LYS A 433 5.60 -20.67 10.03
CA LYS A 433 6.49 -20.54 11.15
C LYS A 433 7.78 -19.74 10.75
N GLY A 434 8.19 -18.79 11.62
CA GLY A 434 9.52 -18.12 11.57
C GLY A 434 10.64 -19.09 11.89
N VAL A 435 11.59 -19.26 10.99
CA VAL A 435 12.81 -20.07 11.30
C VAL A 435 14.11 -19.31 10.94
N ARG A 436 15.23 -19.61 11.58
CA ARG A 436 16.55 -18.93 11.23
C ARG A 436 16.91 -19.02 9.73
N GLY A 437 17.38 -17.90 9.12
CA GLY A 437 17.84 -17.82 7.68
C GLY A 437 19.35 -17.93 7.46
N ARG A 438 19.93 -17.23 6.49
CA ARG A 438 21.37 -17.44 6.32
C ARG A 438 22.14 -16.14 6.03
#